data_5UC3
#
_entry.id   5UC3
#
_cell.length_a   136.749
_cell.length_b   88.320
_cell.length_c   64.672
_cell.angle_alpha   90.00
_cell.angle_beta   110.84
_cell.angle_gamma   90.00
#
_symmetry.space_group_name_H-M   'C 1 2 1'
#
loop_
_entity.id
_entity.type
_entity.pdbx_description
1 polymer 'Glucocorticoid receptor'
2 non-polymer '11-(4-DIMETHYLAMINO-PHENYL)-17-HYDROXY-13-METHYL-17-PROP-1-YNYL-1,2,6,7,8,11,12,13,14,15,16,17-DODEC AHYDRO-CYCLOPENTA[A]PHENANTHREN-3-ONE'
3 non-polymer (4S)-2-METHYL-2,4-PENTANEDIOL
4 non-polymer 1,2-ETHANEDIOL
5 non-polymer '4-(2-HYDROXYETHYL)-1-PIPERAZINE ETHANESULFONIC ACID'
6 water water
#
_entity_poly.entity_id   1
_entity_poly.type   'polypeptide(L)'
_entity_poly.pdbx_seq_one_letter_code
;SPATLPQLTPTLVSLLEVIEPEVLYAGYDSSVPDSTWRIMTTLNMLGGRQVIAAVKWAKAIPGFRNLHLDDQMTLLQYSW
MFLMAFALGWRSYRQSSANLLCFAPDLIINEQRMTLPCMYDQCKHMLYVSSELHRLQVSYEEYLCMKTLLLLSSVPKDGL
KSQELFDEIRMTYIKELGKAIVKREGNSSQNWQRFYQLTKLLDSMHEVVENLKPYCFQTFLDKTMSIEFPEMLAEIITNQ
IPKYSNGNIKKLLFHQK
;
_entity_poly.pdbx_strand_id   A,B
#
# COMPACT_ATOMS: atom_id res chain seq x y z
N PRO A 6 14.44 -1.74 13.74
CA PRO A 6 13.34 -2.69 13.99
C PRO A 6 12.44 -2.84 12.78
N GLN A 7 11.71 -1.77 12.43
CA GLN A 7 10.95 -1.79 11.18
C GLN A 7 11.85 -1.98 9.97
N LEU A 8 13.16 -1.79 10.12
CA LEU A 8 14.10 -2.00 9.04
C LEU A 8 14.29 -3.48 8.71
N THR A 9 13.78 -4.39 9.53
CA THR A 9 13.77 -5.81 9.19
C THR A 9 12.32 -6.20 8.96
N PRO A 10 11.85 -6.23 7.74
CA PRO A 10 10.42 -6.46 7.52
C PRO A 10 10.04 -7.91 7.73
N THR A 11 8.86 -8.10 8.30
CA THR A 11 8.22 -9.40 8.42
C THR A 11 6.96 -9.42 7.56
N LEU A 12 6.35 -10.60 7.44
CA LEU A 12 5.08 -10.67 6.74
C LEU A 12 4.06 -9.72 7.36
N VAL A 13 4.01 -9.65 8.70
CA VAL A 13 2.95 -8.82 9.30
C VAL A 13 3.22 -7.34 9.06
N SER A 14 4.48 -6.93 8.91
CA SER A 14 4.72 -5.52 8.63
C SER A 14 4.27 -5.18 7.22
N LEU A 15 4.30 -6.17 6.32
CA LEU A 15 3.74 -6.00 4.99
C LEU A 15 2.21 -5.90 5.06
N LEU A 16 1.57 -6.80 5.81
CA LEU A 16 0.12 -6.73 5.98
C LEU A 16 -0.29 -5.37 6.53
N GLU A 17 0.54 -4.77 7.38
CA GLU A 17 0.19 -3.48 7.95
C GLU A 17 0.22 -2.38 6.90
N VAL A 18 1.18 -2.43 5.95
CA VAL A 18 1.23 -1.36 4.97
C VAL A 18 0.11 -1.49 3.95
N ILE A 19 -0.39 -2.71 3.69
CA ILE A 19 -1.44 -2.85 2.68
C ILE A 19 -2.84 -2.70 3.27
N GLU A 20 -2.97 -2.50 4.56
CA GLU A 20 -4.30 -2.32 5.15
C GLU A 20 -4.89 -0.98 4.71
N PRO A 21 -6.04 -0.96 4.05
CA PRO A 21 -6.58 0.29 3.52
C PRO A 21 -7.19 1.15 4.64
N GLU A 22 -7.34 2.43 4.32
CA GLU A 22 -7.91 3.36 5.27
C GLU A 22 -9.41 3.14 5.38
N VAL A 23 -9.96 3.50 6.54
CA VAL A 23 -11.38 3.29 6.81
C VAL A 23 -12.21 4.12 5.85
N LEU A 24 -13.31 3.54 5.36
CA LEU A 24 -14.28 4.24 4.53
C LEU A 24 -15.33 4.91 5.39
N TYR A 25 -15.82 6.05 4.90
CA TYR A 25 -16.93 6.77 5.53
C TYR A 25 -18.23 6.39 4.84
N ALA A 26 -19.31 6.32 5.62
CA ALA A 26 -20.59 5.88 5.09
C ALA A 26 -21.31 6.99 4.32
N GLY A 27 -21.06 8.25 4.62
CA GLY A 27 -21.84 9.31 4.03
C GLY A 27 -23.22 9.48 4.61
N TYR A 28 -23.41 9.11 5.87
CA TYR A 28 -24.72 9.11 6.50
C TYR A 28 -25.04 10.47 7.09
N ASP A 29 -26.22 11.01 6.76
CA ASP A 29 -26.61 12.33 7.22
C ASP A 29 -27.14 12.23 8.64
N SER A 30 -26.35 12.75 9.59
CA SER A 30 -26.74 12.73 10.99
C SER A 30 -27.76 13.80 11.35
N SER A 31 -28.02 14.78 10.48
CA SER A 31 -28.97 15.84 10.77
C SER A 31 -30.42 15.45 10.52
N VAL A 32 -30.69 14.20 10.14
CA VAL A 32 -32.02 13.72 9.81
C VAL A 32 -32.33 12.56 10.74
N PRO A 33 -33.58 12.39 11.20
CA PRO A 33 -33.89 11.27 12.10
C PRO A 33 -33.45 9.92 11.54
N ASP A 34 -32.98 9.03 12.42
CA ASP A 34 -32.64 7.66 12.05
C ASP A 34 -33.88 6.89 11.60
N SER A 35 -33.65 5.93 10.72
CA SER A 35 -34.64 4.90 10.41
C SER A 35 -33.88 3.65 10.00
N THR A 36 -34.49 2.48 10.20
CA THR A 36 -33.85 1.25 9.78
C THR A 36 -33.66 1.23 8.28
N TRP A 37 -34.65 1.72 7.54
CA TRP A 37 -34.56 1.81 6.09
C TRP A 37 -33.29 2.55 5.66
N ARG A 38 -33.07 3.75 6.19
CA ARG A 38 -31.95 4.53 5.70
C ARG A 38 -30.61 3.95 6.15
N ILE A 39 -30.55 3.36 7.35
CA ILE A 39 -29.31 2.72 7.80
C ILE A 39 -28.97 1.54 6.91
N MET A 40 -29.95 0.66 6.65
CA MET A 40 -29.69 -0.54 5.88
C MET A 40 -29.33 -0.20 4.44
N THR A 41 -30.01 0.78 3.84
CA THR A 41 -29.64 1.20 2.49
C THR A 41 -28.19 1.67 2.45
N THR A 42 -27.80 2.46 3.47
CA THR A 42 -26.44 2.99 3.54
C THR A 42 -25.42 1.87 3.76
N LEU A 43 -25.75 0.91 4.61
CA LEU A 43 -24.86 -0.22 4.85
C LEU A 43 -24.72 -1.09 3.61
N ASN A 44 -25.76 -1.19 2.77
CA ASN A 44 -25.62 -1.99 1.56
C ASN A 44 -24.62 -1.35 0.60
N MET A 45 -24.71 -0.04 0.42
CA MET A 45 -23.74 0.67 -0.40
C MET A 45 -22.36 0.63 0.22
N LEU A 46 -22.27 0.82 1.54
CA LEU A 46 -20.95 0.70 2.19
C LEU A 46 -20.40 -0.72 2.04
N GLY A 47 -21.25 -1.73 2.18
CA GLY A 47 -20.80 -3.11 2.01
C GLY A 47 -20.18 -3.35 0.64
N GLY A 48 -20.82 -2.84 -0.42
CA GLY A 48 -20.27 -3.00 -1.75
C GLY A 48 -18.92 -2.34 -1.91
N ARG A 49 -18.75 -1.13 -1.34
CA ARG A 49 -17.46 -0.46 -1.39
C ARG A 49 -16.38 -1.23 -0.62
N GLN A 50 -16.75 -1.82 0.51
CA GLN A 50 -15.76 -2.61 1.27
C GLN A 50 -15.36 -3.89 0.52
N VAL A 51 -16.27 -4.47 -0.26
CA VAL A 51 -15.87 -5.62 -1.09
C VAL A 51 -14.81 -5.19 -2.10
N ILE A 52 -15.00 -4.04 -2.76
CA ILE A 52 -13.98 -3.52 -3.66
C ILE A 52 -12.65 -3.37 -2.93
N ALA A 53 -12.69 -2.82 -1.72
CA ALA A 53 -11.45 -2.67 -0.95
C ALA A 53 -10.81 -4.03 -0.63
N ALA A 54 -11.63 -5.05 -0.40
CA ALA A 54 -11.10 -6.36 -0.07
C ALA A 54 -10.37 -6.99 -1.26
N VAL A 55 -10.91 -6.83 -2.46
CA VAL A 55 -10.25 -7.34 -3.67
C VAL A 55 -8.88 -6.70 -3.83
N LYS A 56 -8.81 -5.37 -3.78
CA LYS A 56 -7.51 -4.70 -3.90
C LYS A 56 -6.56 -5.14 -2.81
N TRP A 57 -7.04 -5.26 -1.57
CA TRP A 57 -6.21 -5.73 -0.49
C TRP A 57 -5.68 -7.13 -0.76
N ALA A 58 -6.57 -8.04 -1.16
CA ALA A 58 -6.15 -9.44 -1.28
C ALA A 58 -5.07 -9.61 -2.33
N LYS A 59 -5.16 -8.84 -3.43
CA LYS A 59 -4.16 -8.92 -4.49
C LYS A 59 -2.78 -8.46 -4.04
N ALA A 60 -2.69 -7.71 -2.95
CA ALA A 60 -1.42 -7.27 -2.38
C ALA A 60 -0.87 -8.23 -1.33
N ILE A 61 -1.64 -9.24 -0.93
CA ILE A 61 -1.16 -10.16 0.10
C ILE A 61 -0.06 -11.04 -0.50
N PRO A 62 1.15 -11.10 0.10
CA PRO A 62 2.19 -12.00 -0.42
C PRO A 62 1.69 -13.42 -0.59
N GLY A 63 1.82 -13.96 -1.81
CA GLY A 63 1.41 -15.30 -2.13
C GLY A 63 0.10 -15.39 -2.88
N PHE A 64 -0.82 -14.45 -2.63
CA PHE A 64 -2.18 -14.59 -3.16
C PHE A 64 -2.19 -14.53 -4.67
N ARG A 65 -1.46 -13.59 -5.26
CA ARG A 65 -1.47 -13.48 -6.71
C ARG A 65 -0.74 -14.63 -7.40
N ASN A 66 -0.01 -15.45 -6.65
CA ASN A 66 0.60 -16.64 -7.22
C ASN A 66 -0.39 -17.80 -7.32
N LEU A 67 -1.52 -17.73 -6.64
CA LEU A 67 -2.55 -18.74 -6.85
C LEU A 67 -3.19 -18.54 -8.22
N HIS A 68 -3.74 -19.64 -8.75
CA HIS A 68 -4.53 -19.57 -9.98
C HIS A 68 -5.63 -18.53 -9.83
N LEU A 69 -5.96 -17.87 -10.95
CA LEU A 69 -6.93 -16.77 -10.88
C LEU A 69 -8.31 -17.25 -10.45
N ASP A 70 -8.69 -18.46 -10.81
CA ASP A 70 -9.97 -19.00 -10.34
C ASP A 70 -9.96 -19.22 -8.84
N ASP A 71 -8.78 -19.54 -8.30
CA ASP A 71 -8.66 -19.74 -6.86
C ASP A 71 -8.82 -18.42 -6.13
N GLN A 72 -8.19 -17.36 -6.65
CA GLN A 72 -8.32 -16.03 -6.04
C GLN A 72 -9.78 -15.60 -5.98
N MET A 73 -10.47 -15.66 -7.13
CA MET A 73 -11.90 -15.34 -7.17
C MET A 73 -12.67 -16.21 -6.18
N THR A 74 -12.32 -17.49 -6.10
CA THR A 74 -13.07 -18.39 -5.22
C THR A 74 -12.91 -17.99 -3.75
N LEU A 75 -11.67 -17.74 -3.33
CA LEU A 75 -11.43 -17.39 -1.93
C LEU A 75 -12.11 -16.09 -1.56
N LEU A 76 -12.07 -15.09 -2.45
CA LEU A 76 -12.75 -13.83 -2.16
C LEU A 76 -14.26 -14.02 -2.11
N GLN A 77 -14.80 -14.90 -2.95
CA GLN A 77 -16.24 -15.13 -2.95
C GLN A 77 -16.68 -15.84 -1.67
N TYR A 78 -15.89 -16.80 -1.20
CA TYR A 78 -16.24 -17.51 0.03
C TYR A 78 -16.09 -16.61 1.25
N SER A 79 -15.02 -15.80 1.30
CA SER A 79 -14.59 -15.21 2.57
C SER A 79 -15.02 -13.76 2.80
N TRP A 80 -15.62 -13.07 1.82
CA TRP A 80 -15.78 -11.62 1.98
C TRP A 80 -16.54 -11.23 3.24
N MET A 81 -17.54 -12.03 3.62
N MET A 81 -17.53 -12.04 3.63
CA MET A 81 -18.31 -11.69 4.81
CA MET A 81 -18.31 -11.70 4.82
C MET A 81 -17.50 -11.93 6.08
C MET A 81 -17.52 -11.96 6.10
N PHE A 82 -16.64 -12.96 6.07
CA PHE A 82 -15.73 -13.17 7.20
C PHE A 82 -14.86 -11.95 7.40
N LEU A 83 -14.29 -11.44 6.31
CA LEU A 83 -13.38 -10.29 6.40
C LEU A 83 -14.11 -9.07 6.90
N MET A 84 -15.34 -8.85 6.41
N MET A 84 -15.33 -8.87 6.38
CA MET A 84 -16.03 -7.62 6.74
CA MET A 84 -16.10 -7.67 6.70
C MET A 84 -16.61 -7.65 8.16
C MET A 84 -16.56 -7.67 8.15
N ALA A 85 -17.05 -8.81 8.63
CA ALA A 85 -17.54 -8.90 10.00
C ALA A 85 -16.38 -8.84 11.00
N PHE A 86 -15.24 -9.44 10.66
CA PHE A 86 -14.08 -9.40 11.55
C PHE A 86 -13.48 -8.00 11.61
N ALA A 87 -13.36 -7.33 10.46
CA ALA A 87 -12.87 -5.95 10.46
C ALA A 87 -13.84 -5.03 11.19
N LEU A 88 -15.15 -5.26 11.04
CA LEU A 88 -16.11 -4.48 11.80
C LEU A 88 -15.92 -4.69 13.30
N GLY A 89 -15.73 -5.96 13.69
CA GLY A 89 -15.42 -6.26 15.08
C GLY A 89 -14.21 -5.49 15.58
N TRP A 90 -13.16 -5.45 14.77
CA TRP A 90 -11.95 -4.72 15.16
C TRP A 90 -12.21 -3.22 15.31
N ARG A 91 -12.92 -2.60 14.34
CA ARG A 91 -13.19 -1.17 14.48
C ARG A 91 -14.06 -0.89 15.70
N SER A 92 -15.01 -1.77 16.00
CA SER A 92 -15.88 -1.57 17.15
C SER A 92 -15.10 -1.74 18.44
N TYR A 93 -14.18 -2.71 18.45
CA TYR A 93 -13.34 -2.98 19.60
C TYR A 93 -12.40 -1.81 19.90
N ARG A 94 -11.85 -1.18 18.87
CA ARG A 94 -11.00 -0.01 19.05
C ARG A 94 -11.79 1.26 19.37
N GLN A 95 -13.06 1.32 18.97
CA GLN A 95 -13.84 2.54 19.18
C GLN A 95 -14.19 2.74 20.65
N SER A 96 -14.59 1.67 21.34
CA SER A 96 -15.11 1.85 22.70
C SER A 96 -15.33 0.48 23.34
N SER A 97 -15.47 0.46 24.66
CA SER A 97 -15.80 -0.79 25.32
C SER A 97 -17.31 -1.00 25.46
N ALA A 98 -18.12 -0.08 24.95
CA ALA A 98 -19.56 -0.28 24.92
C ALA A 98 -19.93 -1.32 23.86
N ASN A 99 -21.21 -1.72 23.86
CA ASN A 99 -21.73 -2.70 22.91
C ASN A 99 -22.24 -1.93 21.69
N LEU A 100 -21.32 -1.63 20.77
CA LEU A 100 -21.70 -0.87 19.59
C LEU A 100 -21.02 -1.46 18.36
N LEU A 101 -21.52 -1.08 17.19
CA LEU A 101 -20.94 -1.52 15.92
C LEU A 101 -20.50 -0.29 15.15
N CYS A 102 -19.20 -0.18 14.95
CA CYS A 102 -18.61 0.99 14.29
C CYS A 102 -18.45 0.71 12.78
N PHE A 103 -19.58 0.71 12.09
CA PHE A 103 -19.56 0.45 10.65
C PHE A 103 -18.65 1.42 9.92
N ALA A 104 -18.70 2.69 10.29
CA ALA A 104 -17.87 3.74 9.72
C ALA A 104 -17.79 4.84 10.76
N PRO A 105 -16.78 5.72 10.68
CA PRO A 105 -16.67 6.75 11.71
C PRO A 105 -17.91 7.64 11.79
N ASP A 106 -18.66 7.76 10.69
CA ASP A 106 -19.89 8.54 10.67
C ASP A 106 -21.13 7.68 10.72
N LEU A 107 -21.01 6.38 11.04
CA LEU A 107 -22.20 5.52 11.16
C LEU A 107 -21.90 4.46 12.22
N ILE A 108 -22.14 4.81 13.48
CA ILE A 108 -21.87 3.94 14.62
C ILE A 108 -23.23 3.53 15.16
N ILE A 109 -23.47 2.22 15.27
CA ILE A 109 -24.75 1.72 15.77
C ILE A 109 -24.57 1.39 17.25
N ASN A 110 -25.09 2.26 18.13
CA ASN A 110 -25.01 2.00 19.56
C ASN A 110 -26.28 1.30 20.04
N GLU A 111 -26.36 1.07 21.35
CA GLU A 111 -27.51 0.37 21.90
C GLU A 111 -28.82 1.09 21.58
N GLN A 112 -28.80 2.42 21.58
CA GLN A 112 -29.99 3.17 21.21
C GLN A 112 -30.44 2.82 19.78
N ARG A 113 -29.54 2.94 18.81
CA ARG A 113 -29.97 2.63 17.44
C ARG A 113 -30.32 1.15 17.26
N MET A 114 -29.82 0.26 18.11
CA MET A 114 -30.22 -1.13 17.99
C MET A 114 -31.63 -1.39 18.48
N THR A 115 -32.30 -0.39 19.05
CA THR A 115 -33.72 -0.53 19.36
C THR A 115 -34.60 -0.27 18.15
N LEU A 116 -34.05 0.24 17.05
CA LEU A 116 -34.81 0.39 15.82
C LEU A 116 -35.30 -0.98 15.33
N PRO A 117 -36.47 -1.05 14.70
CA PRO A 117 -37.02 -2.36 14.31
C PRO A 117 -36.06 -3.13 13.41
N CYS A 118 -35.94 -4.42 13.70
CA CYS A 118 -35.16 -5.40 12.93
C CYS A 118 -33.65 -5.22 13.05
N MET A 119 -33.16 -4.31 13.90
CA MET A 119 -31.72 -4.09 13.98
C MET A 119 -31.01 -5.06 14.91
N TYR A 120 -31.60 -5.34 16.08
CA TYR A 120 -30.83 -6.06 17.09
C TYR A 120 -30.53 -7.49 16.66
N ASP A 121 -31.48 -8.16 15.99
CA ASP A 121 -31.25 -9.58 15.71
C ASP A 121 -30.13 -9.78 14.71
N GLN A 122 -29.87 -8.78 13.87
CA GLN A 122 -28.68 -8.78 13.04
C GLN A 122 -27.45 -8.48 13.88
N CYS A 123 -27.51 -7.42 14.68
CA CYS A 123 -26.32 -6.88 15.33
C CYS A 123 -25.77 -7.81 16.39
N LYS A 124 -26.61 -8.65 16.99
CA LYS A 124 -26.11 -9.51 18.05
C LYS A 124 -25.05 -10.48 17.55
N HIS A 125 -25.16 -10.96 16.31
CA HIS A 125 -24.11 -11.84 15.80
C HIS A 125 -22.81 -11.07 15.55
N MET A 126 -22.91 -9.80 15.17
CA MET A 126 -21.70 -9.01 14.93
C MET A 126 -21.08 -8.52 16.23
N LEU A 127 -21.90 -8.24 17.25
CA LEU A 127 -21.38 -7.87 18.57
C LEU A 127 -20.58 -8.99 19.21
N TYR A 128 -20.87 -10.25 18.85
CA TYR A 128 -20.09 -11.37 19.38
C TYR A 128 -18.61 -11.22 19.03
N VAL A 129 -18.31 -10.71 17.83
CA VAL A 129 -16.92 -10.63 17.38
C VAL A 129 -16.16 -9.60 18.20
N SER A 130 -16.73 -8.39 18.33
CA SER A 130 -16.05 -7.38 19.15
C SER A 130 -15.95 -7.80 20.61
N SER A 131 -16.96 -8.51 21.14
CA SER A 131 -16.89 -8.99 22.51
C SER A 131 -15.74 -9.97 22.69
N GLU A 132 -15.55 -10.86 21.72
CA GLU A 132 -14.41 -11.78 21.81
C GLU A 132 -13.09 -11.03 21.73
N LEU A 133 -13.01 -10.00 20.89
CA LEU A 133 -11.79 -9.22 20.80
C LEU A 133 -11.46 -8.53 22.13
N HIS A 134 -12.48 -7.99 22.81
CA HIS A 134 -12.25 -7.40 24.13
C HIS A 134 -11.79 -8.45 25.12
N ARG A 135 -12.45 -9.60 25.13
CA ARG A 135 -12.10 -10.66 26.08
C ARG A 135 -10.65 -11.07 25.94
N LEU A 136 -10.14 -11.14 24.70
CA LEU A 136 -8.80 -11.65 24.43
C LEU A 136 -7.75 -10.55 24.30
N GLN A 137 -8.16 -9.28 24.28
CA GLN A 137 -7.24 -8.14 24.17
C GLN A 137 -6.30 -8.31 22.98
N VAL A 138 -6.91 -8.51 21.81
CA VAL A 138 -6.16 -8.83 20.61
C VAL A 138 -5.34 -7.61 20.18
N SER A 139 -4.09 -7.85 19.82
CA SER A 139 -3.23 -6.78 19.33
C SER A 139 -3.44 -6.58 17.84
N TYR A 140 -2.92 -5.46 17.34
CA TYR A 140 -3.11 -5.14 15.92
C TYR A 140 -2.38 -6.15 15.04
N GLU A 141 -1.19 -6.60 15.47
CA GLU A 141 -0.45 -7.57 14.65
C GLU A 141 -1.14 -8.94 14.67
N GLU A 142 -1.67 -9.35 15.82
CA GLU A 142 -2.48 -10.57 15.83
C GLU A 142 -3.68 -10.43 14.91
N TYR A 143 -4.38 -9.30 14.98
CA TYR A 143 -5.55 -9.05 14.16
C TYR A 143 -5.22 -9.16 12.66
N LEU A 144 -4.13 -8.51 12.23
CA LEU A 144 -3.76 -8.54 10.82
C LEU A 144 -3.52 -9.96 10.33
N CYS A 145 -2.80 -10.77 11.12
CA CYS A 145 -2.60 -12.18 10.74
C CYS A 145 -3.93 -12.92 10.71
N MET A 146 -4.78 -12.70 11.72
CA MET A 146 -6.06 -13.38 11.76
C MET A 146 -6.93 -13.02 10.56
N LYS A 147 -6.91 -11.76 10.13
CA LYS A 147 -7.76 -11.38 9.03
C LYS A 147 -7.31 -12.03 7.72
N THR A 148 -6.00 -12.09 7.50
CA THR A 148 -5.47 -12.85 6.36
C THR A 148 -5.93 -14.30 6.40
N LEU A 149 -5.83 -14.95 7.57
CA LEU A 149 -6.28 -16.33 7.67
C LEU A 149 -7.77 -16.50 7.36
N LEU A 150 -8.60 -15.47 7.61
CA LEU A 150 -10.01 -15.58 7.28
C LEU A 150 -10.24 -15.61 5.77
N LEU A 151 -9.38 -14.95 5.01
CA LEU A 151 -9.40 -15.11 3.56
C LEU A 151 -9.17 -16.57 3.15
N LEU A 152 -8.42 -17.31 3.96
CA LEU A 152 -8.02 -18.68 3.67
C LEU A 152 -8.84 -19.70 4.47
N SER A 153 -10.08 -19.36 4.82
CA SER A 153 -10.82 -20.15 5.79
C SER A 153 -11.74 -21.20 5.17
N SER A 154 -12.05 -21.10 3.87
CA SER A 154 -12.89 -22.08 3.17
C SER A 154 -12.30 -22.41 1.80
N VAL A 155 -12.44 -23.65 1.37
CA VAL A 155 -12.04 -24.07 0.03
C VAL A 155 -13.10 -25.00 -0.54
N PRO A 156 -13.12 -25.18 -1.87
CA PRO A 156 -14.10 -26.12 -2.44
C PRO A 156 -13.81 -27.53 -1.96
N LYS A 157 -14.88 -28.33 -1.88
CA LYS A 157 -14.74 -29.71 -1.43
C LYS A 157 -13.72 -30.49 -2.27
N ASP A 158 -13.70 -30.28 -3.58
CA ASP A 158 -12.76 -30.98 -4.45
C ASP A 158 -11.42 -30.26 -4.56
N GLY A 159 -11.20 -29.19 -3.79
CA GLY A 159 -9.90 -28.55 -3.72
C GLY A 159 -9.74 -27.38 -4.70
N LEU A 160 -8.67 -26.62 -4.47
CA LEU A 160 -8.30 -25.51 -5.34
C LEU A 160 -7.40 -25.99 -6.46
N LYS A 161 -7.30 -25.16 -7.50
CA LYS A 161 -6.36 -25.50 -8.58
C LYS A 161 -4.92 -25.43 -8.10
N SER A 162 -4.58 -24.42 -7.31
CA SER A 162 -3.24 -24.34 -6.72
C SER A 162 -3.24 -24.81 -5.28
N GLN A 163 -3.82 -25.98 -5.02
CA GLN A 163 -3.99 -26.45 -3.64
C GLN A 163 -2.68 -26.54 -2.89
N GLU A 164 -1.63 -27.07 -3.52
CA GLU A 164 -0.36 -27.23 -2.83
C GLU A 164 0.22 -25.87 -2.43
N LEU A 165 0.16 -24.89 -3.32
CA LEU A 165 0.64 -23.56 -2.98
C LEU A 165 -0.21 -22.92 -1.88
N PHE A 166 -1.54 -23.06 -1.99
CA PHE A 166 -2.44 -22.55 -0.95
C PHE A 166 -2.05 -23.08 0.43
N ASP A 167 -1.82 -24.40 0.53
CA ASP A 167 -1.43 -24.99 1.80
C ASP A 167 -0.16 -24.36 2.35
N GLU A 168 0.81 -24.08 1.48
CA GLU A 168 2.03 -23.43 1.94
C GLU A 168 1.75 -22.02 2.43
N ILE A 169 0.88 -21.29 1.73
CA ILE A 169 0.57 -19.92 2.12
C ILE A 169 -0.12 -19.90 3.48
N ARG A 170 -1.18 -20.70 3.62
CA ARG A 170 -1.93 -20.75 4.87
C ARG A 170 -1.04 -21.13 6.04
N MET A 171 -0.19 -22.16 5.85
CA MET A 171 0.69 -22.58 6.93
C MET A 171 1.62 -21.45 7.34
N THR A 172 2.04 -20.63 6.37
CA THR A 172 2.94 -19.52 6.67
C THR A 172 2.24 -18.42 7.46
N TYR A 173 0.98 -18.12 7.12
CA TYR A 173 0.29 -17.10 7.92
C TYR A 173 -0.12 -17.64 9.29
N ILE A 174 -0.31 -18.96 9.41
CA ILE A 174 -0.47 -19.54 10.75
C ILE A 174 0.79 -19.33 11.57
N LYS A 175 1.96 -19.60 10.98
CA LYS A 175 3.21 -19.34 11.66
C LYS A 175 3.34 -17.86 12.01
N GLU A 176 2.89 -16.99 11.13
CA GLU A 176 3.02 -15.56 11.41
C GLU A 176 2.15 -15.14 12.57
N LEU A 177 0.95 -15.71 12.69
CA LEU A 177 0.13 -15.47 13.87
C LEU A 177 0.86 -15.90 15.13
N GLY A 178 1.56 -17.04 15.08
CA GLY A 178 2.34 -17.49 16.22
C GLY A 178 3.38 -16.47 16.65
N LYS A 179 4.10 -15.89 15.69
CA LYS A 179 5.09 -14.88 16.03
C LYS A 179 4.44 -13.64 16.62
N ALA A 180 3.27 -13.24 16.11
CA ALA A 180 2.59 -12.10 16.69
C ALA A 180 2.21 -12.36 18.14
N ILE A 181 1.80 -13.60 18.44
CA ILE A 181 1.49 -13.97 19.82
C ILE A 181 2.73 -13.87 20.70
N VAL A 182 3.85 -14.36 20.20
CA VAL A 182 5.08 -14.39 21.00
C VAL A 182 5.50 -12.98 21.36
N LYS A 183 5.22 -12.01 20.48
CA LYS A 183 5.55 -10.61 20.76
C LYS A 183 4.84 -10.05 21.98
N ARG A 184 3.74 -10.67 22.44
CA ARG A 184 3.12 -10.20 23.67
C ARG A 184 3.95 -10.51 24.91
N GLU A 185 5.09 -11.20 24.76
CA GLU A 185 6.07 -11.40 25.83
C GLU A 185 5.50 -12.19 27.01
N GLY A 186 4.50 -13.05 26.77
CA GLY A 186 4.13 -14.04 27.75
C GLY A 186 5.09 -15.22 27.73
N ASN A 187 4.85 -16.20 28.61
CA ASN A 187 5.69 -17.39 28.59
C ASN A 187 5.13 -18.43 27.61
N SER A 188 5.86 -19.54 27.44
CA SER A 188 5.52 -20.50 26.39
C SER A 188 4.18 -21.17 26.65
N SER A 189 3.91 -21.52 27.91
CA SER A 189 2.63 -22.12 28.26
C SER A 189 1.46 -21.18 27.92
N GLN A 190 1.64 -19.89 28.21
CA GLN A 190 0.60 -18.90 27.91
C GLN A 190 0.45 -18.66 26.41
N ASN A 191 1.57 -18.63 25.69
CA ASN A 191 1.52 -18.49 24.23
C ASN A 191 0.76 -19.64 23.60
N TRP A 192 1.02 -20.86 24.08
CA TRP A 192 0.34 -22.03 23.59
C TRP A 192 -1.17 -21.91 23.76
N GLN A 193 -1.61 -21.56 24.96
CA GLN A 193 -3.05 -21.43 25.21
C GLN A 193 -3.64 -20.28 24.39
N ARG A 194 -2.89 -19.19 24.20
CA ARG A 194 -3.45 -18.07 23.45
C ARG A 194 -3.67 -18.43 21.99
N PHE A 195 -2.77 -19.26 21.43
CA PHE A 195 -2.97 -19.74 20.08
C PHE A 195 -4.31 -20.46 19.95
N TYR A 196 -4.64 -21.33 20.92
CA TYR A 196 -5.96 -21.95 20.93
C TYR A 196 -7.08 -20.91 20.96
N GLN A 197 -6.98 -19.95 21.88
CA GLN A 197 -8.06 -18.96 22.00
C GLN A 197 -8.28 -18.22 20.68
N LEU A 198 -7.20 -17.75 20.07
CA LEU A 198 -7.33 -16.97 18.85
C LEU A 198 -7.86 -17.82 17.70
N THR A 199 -7.35 -19.04 17.53
CA THR A 199 -7.80 -19.86 16.40
C THR A 199 -9.20 -20.41 16.62
N LYS A 200 -9.61 -20.57 17.89
CA LYS A 200 -11.02 -20.87 18.20
C LYS A 200 -11.92 -19.73 17.76
N LEU A 201 -11.48 -18.48 17.96
CA LEU A 201 -12.27 -17.36 17.47
C LEU A 201 -12.38 -17.39 15.95
N LEU A 202 -11.29 -17.69 15.25
CA LEU A 202 -11.34 -17.82 13.80
C LEU A 202 -12.35 -18.90 13.40
N ASP A 203 -12.34 -20.05 14.10
CA ASP A 203 -13.30 -21.11 13.81
C ASP A 203 -14.72 -20.63 13.97
N SER A 204 -15.00 -19.91 15.06
CA SER A 204 -16.36 -19.46 15.29
C SER A 204 -16.86 -18.45 14.26
N MET A 205 -15.96 -17.85 13.45
CA MET A 205 -16.44 -16.93 12.42
C MET A 205 -17.31 -17.65 11.39
N HIS A 206 -17.09 -18.96 11.17
CA HIS A 206 -17.98 -19.68 10.27
C HIS A 206 -19.42 -19.59 10.75
N GLU A 207 -19.64 -19.68 12.06
CA GLU A 207 -21.00 -19.61 12.57
C GLU A 207 -21.54 -18.19 12.53
N VAL A 208 -20.68 -17.20 12.83
CA VAL A 208 -21.11 -15.80 12.69
C VAL A 208 -21.64 -15.56 11.28
N VAL A 209 -20.89 -15.98 10.27
CA VAL A 209 -21.27 -15.69 8.89
C VAL A 209 -22.53 -16.45 8.51
N GLU A 210 -22.64 -17.72 8.91
CA GLU A 210 -23.86 -18.49 8.65
C GLU A 210 -25.09 -17.76 9.17
N ASN A 211 -24.97 -17.12 10.33
CA ASN A 211 -26.11 -16.41 10.89
C ASN A 211 -26.37 -15.07 10.23
N LEU A 212 -25.37 -14.47 9.58
CA LEU A 212 -25.58 -13.16 8.98
C LEU A 212 -26.05 -13.25 7.53
N LYS A 213 -25.68 -14.32 6.83
CA LYS A 213 -26.04 -14.45 5.40
C LYS A 213 -27.53 -14.31 5.13
N PRO A 214 -28.44 -14.91 5.91
CA PRO A 214 -29.87 -14.69 5.63
C PRO A 214 -30.29 -13.23 5.66
N TYR A 215 -29.69 -12.42 6.53
CA TYR A 215 -30.08 -11.01 6.57
C TYR A 215 -29.56 -10.26 5.35
N CYS A 216 -28.34 -10.59 4.89
CA CYS A 216 -27.84 -10.04 3.64
C CYS A 216 -28.76 -10.40 2.48
N PHE A 217 -29.11 -11.67 2.39
CA PHE A 217 -30.07 -12.11 1.38
C PHE A 217 -31.37 -11.31 1.46
N GLN A 218 -31.89 -11.15 2.67
CA GLN A 218 -33.18 -10.49 2.83
C GLN A 218 -33.12 -9.03 2.39
N THR A 219 -32.08 -8.30 2.79
CA THR A 219 -32.01 -6.89 2.39
C THR A 219 -31.79 -6.75 0.88
N PHE A 220 -31.07 -7.70 0.25
CA PHE A 220 -30.97 -7.69 -1.21
C PHE A 220 -32.33 -7.84 -1.87
N LEU A 221 -33.11 -8.82 -1.44
CA LEU A 221 -34.44 -9.03 -2.00
C LEU A 221 -35.31 -7.79 -1.84
N ASP A 222 -35.19 -7.12 -0.70
CA ASP A 222 -36.13 -6.05 -0.38
C ASP A 222 -35.71 -4.74 -1.05
N LYS A 223 -34.48 -4.29 -0.79
CA LYS A 223 -34.05 -2.97 -1.20
C LYS A 223 -33.34 -2.92 -2.53
N THR A 224 -32.86 -4.05 -3.05
CA THR A 224 -32.25 -4.07 -4.38
C THR A 224 -33.22 -4.59 -5.44
N MET A 225 -33.86 -5.72 -5.17
CA MET A 225 -34.78 -6.31 -6.13
C MET A 225 -36.21 -5.83 -5.98
N SER A 226 -36.51 -5.10 -4.90
CA SER A 226 -37.86 -4.62 -4.61
C SER A 226 -38.87 -5.76 -4.61
N ILE A 227 -38.47 -6.90 -4.06
CA ILE A 227 -39.31 -8.09 -3.98
C ILE A 227 -40.05 -8.14 -2.64
N GLY A 247 -22.31 -27.20 1.05
CA GLY A 247 -22.12 -28.62 0.77
C GLY A 247 -20.92 -28.89 -0.11
N ASN A 248 -20.73 -28.06 -1.13
CA ASN A 248 -19.54 -28.10 -1.97
C ASN A 248 -18.39 -27.30 -1.37
N ILE A 249 -18.56 -26.77 -0.16
CA ILE A 249 -17.59 -25.90 0.47
C ILE A 249 -17.04 -26.61 1.71
N LYS A 250 -15.73 -26.68 1.81
CA LYS A 250 -15.04 -27.28 2.95
C LYS A 250 -14.51 -26.17 3.85
N LYS A 251 -14.93 -26.18 5.11
CA LYS A 251 -14.38 -25.27 6.11
C LYS A 251 -13.04 -25.78 6.60
N LEU A 252 -12.05 -24.89 6.67
CA LEU A 252 -10.73 -25.26 7.17
C LEU A 252 -10.64 -24.90 8.65
N LEU A 253 -11.15 -25.80 9.49
CA LEU A 253 -11.22 -25.54 10.93
C LEU A 253 -9.91 -25.84 11.63
N PHE A 254 -9.57 -25.03 12.65
CA PHE A 254 -8.38 -25.33 13.44
C PHE A 254 -8.64 -26.40 14.49
N HIS A 255 -9.88 -26.51 14.97
CA HIS A 255 -10.23 -27.43 16.05
C HIS A 255 -11.50 -28.18 15.66
N GLN A 256 -11.42 -29.50 15.63
CA GLN A 256 -12.58 -30.34 15.30
C GLN A 256 -13.48 -30.54 16.51
N PRO B 6 8.37 -17.46 -2.40
CA PRO B 6 9.44 -16.45 -2.41
C PRO B 6 8.99 -15.12 -1.81
N GLN B 7 7.83 -14.63 -2.25
CA GLN B 7 7.24 -13.45 -1.61
C GLN B 7 6.90 -13.71 -0.14
N LEU B 8 6.77 -14.97 0.26
CA LEU B 8 6.44 -15.30 1.65
C LEU B 8 7.60 -15.00 2.61
N THR B 9 8.78 -14.64 2.09
CA THR B 9 9.90 -14.20 2.91
C THR B 9 10.16 -12.75 2.57
N PRO B 10 9.53 -11.80 3.24
CA PRO B 10 9.59 -10.41 2.76
C PRO B 10 10.97 -9.81 3.00
N THR B 11 11.39 -9.00 2.05
CA THR B 11 12.60 -8.21 2.14
C THR B 11 12.21 -6.75 2.11
N LEU B 12 13.17 -5.87 2.43
CA LEU B 12 12.88 -4.45 2.31
C LEU B 12 12.44 -4.10 0.90
N VAL B 13 13.08 -4.71 -0.11
CA VAL B 13 12.73 -4.31 -1.48
C VAL B 13 11.34 -4.82 -1.87
N SER B 14 10.88 -5.93 -1.29
CA SER B 14 9.52 -6.36 -1.61
C SER B 14 8.50 -5.45 -0.94
N LEU B 15 8.85 -4.86 0.20
CA LEU B 15 8.00 -3.82 0.78
C LEU B 15 7.98 -2.58 -0.11
N LEU B 16 9.15 -2.16 -0.59
CA LEU B 16 9.21 -1.03 -1.52
C LEU B 16 8.37 -1.30 -2.77
N GLU B 17 8.31 -2.56 -3.20
CA GLU B 17 7.49 -2.87 -4.37
C GLU B 17 6.00 -2.72 -4.09
N VAL B 18 5.55 -3.03 -2.87
CA VAL B 18 4.12 -2.93 -2.61
C VAL B 18 3.67 -1.50 -2.38
N ILE B 19 4.56 -0.59 -1.95
CA ILE B 19 4.16 0.79 -1.72
C ILE B 19 4.37 1.69 -2.93
N GLU B 20 4.87 1.16 -4.04
CA GLU B 20 5.08 1.97 -5.22
C GLU B 20 3.74 2.39 -5.79
N PRO B 21 3.44 3.68 -5.92
CA PRO B 21 2.11 4.10 -6.37
C PRO B 21 1.92 3.86 -7.86
N GLU B 22 0.65 3.72 -8.26
CA GLU B 22 0.32 3.53 -9.66
C GLU B 22 0.56 4.82 -10.43
N VAL B 23 0.85 4.66 -11.73
CA VAL B 23 1.14 5.83 -12.56
C VAL B 23 -0.10 6.72 -12.67
N LEU B 24 0.13 8.03 -12.60
CA LEU B 24 -0.91 9.03 -12.77
C LEU B 24 -1.04 9.42 -14.23
N TYR B 25 -2.27 9.71 -14.65
CA TYR B 25 -2.51 10.22 -15.99
C TYR B 25 -2.51 11.74 -15.98
N ALA B 26 -2.07 12.32 -17.09
CA ALA B 26 -1.95 13.77 -17.15
C ALA B 26 -3.28 14.46 -17.43
N GLY B 27 -4.24 13.75 -18.03
CA GLY B 27 -5.46 14.40 -18.47
C GLY B 27 -5.26 15.31 -19.66
N TYR B 28 -4.32 14.97 -20.55
CA TYR B 28 -3.97 15.82 -21.67
C TYR B 28 -4.84 15.48 -22.87
N ASP B 29 -5.52 16.50 -23.42
CA ASP B 29 -6.41 16.29 -24.55
C ASP B 29 -5.58 16.12 -25.81
N SER B 30 -5.56 14.89 -26.33
CA SER B 30 -4.80 14.58 -27.54
C SER B 30 -5.46 15.12 -28.80
N SER B 31 -6.78 15.36 -28.77
CA SER B 31 -7.54 15.75 -29.95
C SER B 31 -7.42 17.24 -30.27
N VAL B 32 -6.49 17.95 -29.65
CA VAL B 32 -6.32 19.39 -29.82
C VAL B 32 -4.86 19.62 -30.21
N PRO B 33 -4.55 20.60 -31.05
CA PRO B 33 -3.15 20.86 -31.40
C PRO B 33 -2.27 21.06 -30.17
N ASP B 34 -1.10 20.42 -30.21
CA ASP B 34 -0.11 20.56 -29.15
C ASP B 34 0.40 21.99 -29.08
N SER B 35 0.90 22.33 -27.91
CA SER B 35 1.43 23.66 -27.62
C SER B 35 2.43 23.50 -26.48
N THR B 36 3.54 24.21 -26.55
CA THR B 36 4.46 24.26 -25.42
C THR B 36 3.76 24.81 -24.18
N TRP B 37 2.96 25.86 -24.37
CA TRP B 37 2.18 26.41 -23.26
C TRP B 37 1.32 25.33 -22.62
N ARG B 38 0.58 24.57 -23.42
CA ARG B 38 -0.36 23.61 -22.87
C ARG B 38 0.34 22.42 -22.23
N ILE B 39 1.44 21.95 -22.83
CA ILE B 39 2.18 20.85 -22.21
C ILE B 39 2.75 21.28 -20.86
N MET B 40 3.37 22.45 -20.81
CA MET B 40 3.98 22.90 -19.56
C MET B 40 2.95 23.12 -18.46
N THR B 41 1.78 23.68 -18.80
CA THR B 41 0.73 23.86 -17.79
C THR B 41 0.26 22.50 -17.27
N THR B 42 0.07 21.54 -18.17
CA THR B 42 -0.33 20.19 -17.78
C THR B 42 0.72 19.54 -16.88
N LEU B 43 2.00 19.72 -17.22
CA LEU B 43 3.08 19.12 -16.42
C LEU B 43 3.19 19.78 -15.06
N ASN B 44 2.88 21.08 -14.98
CA ASN B 44 2.89 21.76 -13.69
C ASN B 44 1.88 21.15 -12.74
N MET B 45 0.69 20.84 -13.24
CA MET B 45 -0.35 20.22 -12.41
C MET B 45 -0.06 18.76 -12.16
N LEU B 46 0.48 18.06 -13.15
CA LEU B 46 0.93 16.69 -12.91
C LEU B 46 2.04 16.66 -11.86
N GLY B 47 2.99 17.60 -11.95
CA GLY B 47 4.02 17.70 -10.95
C GLY B 47 3.48 17.87 -9.54
N GLY B 48 2.50 18.74 -9.36
CA GLY B 48 1.94 18.95 -8.03
C GLY B 48 1.30 17.70 -7.45
N ARG B 49 0.59 16.95 -8.31
CA ARG B 49 -0.01 15.67 -7.89
C ARG B 49 1.06 14.63 -7.58
N GLN B 50 2.17 14.65 -8.31
CA GLN B 50 3.22 13.68 -8.03
C GLN B 50 3.90 13.98 -6.69
N VAL B 51 4.01 15.26 -6.30
CA VAL B 51 4.51 15.58 -4.96
C VAL B 51 3.63 14.91 -3.91
N ILE B 52 2.31 14.97 -4.09
CA ILE B 52 1.39 14.36 -3.14
C ILE B 52 1.66 12.87 -3.04
N ALA B 53 1.82 12.22 -4.19
CA ALA B 53 2.11 10.79 -4.20
C ALA B 53 3.43 10.51 -3.48
N ALA B 54 4.42 11.40 -3.64
CA ALA B 54 5.72 11.17 -3.01
C ALA B 54 5.64 11.26 -1.49
N VAL B 55 4.87 12.22 -0.98
CA VAL B 55 4.71 12.34 0.47
C VAL B 55 4.08 11.07 1.04
N LYS B 56 3.02 10.57 0.40
CA LYS B 56 2.38 9.35 0.90
C LYS B 56 3.32 8.15 0.79
N TRP B 57 4.02 8.02 -0.33
CA TRP B 57 5.01 6.95 -0.46
C TRP B 57 6.05 7.01 0.65
N ALA B 58 6.65 8.17 0.85
CA ALA B 58 7.75 8.30 1.80
C ALA B 58 7.30 7.92 3.21
N LYS B 59 6.11 8.36 3.63
CA LYS B 59 5.63 8.02 4.96
C LYS B 59 5.50 6.52 5.17
N ALA B 60 5.40 5.73 4.10
CA ALA B 60 5.35 4.27 4.19
C ALA B 60 6.72 3.62 4.08
N ILE B 61 7.79 4.37 3.85
CA ILE B 61 9.11 3.74 3.75
C ILE B 61 9.56 3.31 5.15
N PRO B 62 9.84 2.03 5.38
CA PRO B 62 10.23 1.59 6.72
C PRO B 62 11.41 2.40 7.24
N GLY B 63 11.22 2.98 8.42
CA GLY B 63 12.20 3.85 9.04
C GLY B 63 11.90 5.34 8.91
N PHE B 64 11.25 5.74 7.82
CA PHE B 64 11.10 7.17 7.53
C PHE B 64 10.24 7.87 8.58
N ARG B 65 9.13 7.24 8.98
CA ARG B 65 8.23 7.85 9.96
C ARG B 65 8.87 7.93 11.34
N ASN B 66 9.95 7.20 11.57
CA ASN B 66 10.67 7.26 12.84
C ASN B 66 11.61 8.44 12.93
N LEU B 67 11.93 9.08 11.79
CA LEU B 67 12.69 10.31 11.86
C LEU B 67 11.82 11.41 12.42
N HIS B 68 12.49 12.44 12.95
CA HIS B 68 11.78 13.63 13.42
C HIS B 68 10.95 14.18 12.26
N LEU B 69 9.77 14.71 12.60
CA LEU B 69 8.87 15.21 11.55
C LEU B 69 9.53 16.30 10.74
N ASP B 70 10.36 17.14 11.38
CA ASP B 70 11.10 18.16 10.65
C ASP B 70 12.07 17.53 9.65
N ASP B 71 12.74 16.45 10.06
CA ASP B 71 13.63 15.73 9.15
C ASP B 71 12.85 15.20 7.95
N GLN B 72 11.71 14.55 8.22
CA GLN B 72 10.86 14.07 7.13
C GLN B 72 10.57 15.18 6.13
N MET B 73 10.07 16.32 6.64
CA MET B 73 9.75 17.44 5.75
C MET B 73 10.99 17.93 5.01
N THR B 74 12.14 17.94 5.67
CA THR B 74 13.37 18.42 5.04
C THR B 74 13.82 17.51 3.90
N LEU B 75 13.76 16.20 4.12
CA LEU B 75 14.20 15.26 3.09
C LEU B 75 13.28 15.32 1.88
N LEU B 76 11.98 15.49 2.10
CA LEU B 76 11.05 15.62 0.98
C LEU B 76 11.26 16.93 0.22
N GLN B 77 11.58 18.02 0.93
CA GLN B 77 11.81 19.28 0.22
C GLN B 77 13.06 19.21 -0.67
N TYR B 78 14.15 18.64 -0.16
CA TYR B 78 15.38 18.57 -0.93
C TYR B 78 15.23 17.66 -2.14
N SER B 79 14.53 16.54 -2.00
CA SER B 79 14.70 15.43 -2.92
C SER B 79 13.58 15.27 -3.94
N TRP B 80 12.49 16.03 -3.85
CA TRP B 80 11.31 15.71 -4.67
C TRP B 80 11.65 15.70 -6.15
N MET B 81 12.49 16.62 -6.60
CA MET B 81 12.83 16.65 -8.02
C MET B 81 13.74 15.47 -8.40
N PHE B 82 14.61 15.05 -7.49
CA PHE B 82 15.37 13.81 -7.71
C PHE B 82 14.41 12.65 -7.96
N LEU B 83 13.43 12.48 -7.06
CA LEU B 83 12.50 11.35 -7.17
C LEU B 83 11.71 11.41 -8.47
N MET B 84 11.24 12.60 -8.84
CA MET B 84 10.38 12.75 -10.02
C MET B 84 11.16 12.48 -11.30
N ALA B 85 12.37 13.04 -11.40
CA ALA B 85 13.15 12.84 -12.62
C ALA B 85 13.60 11.40 -12.76
N PHE B 86 13.95 10.78 -11.64
CA PHE B 86 14.40 9.39 -11.69
C PHE B 86 13.26 8.46 -12.08
N ALA B 87 12.08 8.65 -11.49
CA ALA B 87 10.92 7.84 -11.85
C ALA B 87 10.51 8.08 -13.30
N LEU B 88 10.61 9.33 -13.76
CA LEU B 88 10.36 9.61 -15.19
C LEU B 88 11.33 8.83 -16.07
N GLY B 89 12.63 8.90 -15.73
CA GLY B 89 13.60 8.08 -16.45
C GLY B 89 13.19 6.63 -16.52
N TRP B 90 12.76 6.06 -15.38
CA TRP B 90 12.36 4.66 -15.37
C TRP B 90 11.17 4.40 -16.28
N ARG B 91 10.11 5.21 -16.15
CA ARG B 91 8.93 5.03 -16.98
C ARG B 91 9.28 5.13 -18.46
N SER B 92 10.15 6.08 -18.81
CA SER B 92 10.55 6.24 -20.20
C SER B 92 11.38 5.06 -20.67
N TYR B 93 12.26 4.54 -19.81
CA TYR B 93 13.08 3.38 -20.18
C TYR B 93 12.22 2.15 -20.41
N ARG B 94 11.18 1.97 -19.60
CA ARG B 94 10.33 0.79 -19.72
C ARG B 94 9.33 0.92 -20.86
N GLN B 95 8.92 2.13 -21.22
CA GLN B 95 7.90 2.32 -22.24
C GLN B 95 8.47 2.22 -23.64
CA SER B 97 10.91 1.93 -25.85
C SER B 97 12.11 2.59 -26.50
N ALA B 98 11.91 3.79 -27.03
CA ALA B 98 12.99 4.55 -27.63
C ALA B 98 13.43 5.70 -26.74
N ASN B 99 13.92 6.77 -27.36
CA ASN B 99 14.34 7.98 -26.64
C ASN B 99 13.17 8.95 -26.55
N LEU B 100 12.21 8.60 -25.69
CA LEU B 100 10.99 9.39 -25.49
C LEU B 100 10.75 9.57 -24.00
N LEU B 101 10.37 10.79 -23.59
CA LEU B 101 10.01 11.05 -22.20
C LEU B 101 8.54 10.71 -22.00
N CYS B 102 8.28 9.78 -21.08
CA CYS B 102 6.94 9.26 -20.80
C CYS B 102 6.45 9.87 -19.48
N PHE B 103 6.07 11.15 -19.54
CA PHE B 103 5.56 11.82 -18.33
C PHE B 103 4.34 11.08 -17.78
N ALA B 104 3.43 10.66 -18.66
CA ALA B 104 2.26 9.90 -18.27
C ALA B 104 1.85 9.06 -19.46
N PRO B 105 1.04 8.01 -19.25
CA PRO B 105 0.64 7.18 -20.40
C PRO B 105 -0.05 7.99 -21.49
N ASP B 106 -0.73 9.08 -21.14
CA ASP B 106 -1.39 9.96 -22.09
C ASP B 106 -0.60 11.24 -22.37
N LEU B 107 0.67 11.33 -21.95
CA LEU B 107 1.44 12.54 -22.29
C LEU B 107 2.89 12.12 -22.49
N ILE B 108 3.21 11.72 -23.71
CA ILE B 108 4.55 11.29 -24.09
C ILE B 108 5.15 12.37 -24.98
N ILE B 109 6.35 12.81 -24.64
CA ILE B 109 7.05 13.76 -25.51
C ILE B 109 7.69 12.96 -26.62
N ASN B 110 7.05 12.92 -27.79
CA ASN B 110 7.59 12.24 -28.96
C ASN B 110 8.58 13.16 -29.70
N GLU B 111 9.13 12.64 -30.80
CA GLU B 111 10.11 13.41 -31.57
C GLU B 111 9.51 14.71 -32.09
N GLN B 112 8.26 14.67 -32.54
CA GLN B 112 7.61 15.89 -33.02
C GLN B 112 7.48 16.92 -31.89
N ARG B 113 6.95 16.50 -30.73
CA ARG B 113 6.79 17.43 -29.61
C ARG B 113 8.12 17.99 -29.11
N MET B 114 9.23 17.29 -29.37
CA MET B 114 10.55 17.80 -28.99
C MET B 114 10.90 19.09 -29.71
N THR B 115 10.41 19.25 -30.94
CA THR B 115 10.72 20.43 -31.73
C THR B 115 10.07 21.70 -31.17
N LEU B 116 9.00 21.55 -30.37
CA LEU B 116 8.34 22.71 -29.80
C LEU B 116 9.33 23.56 -29.01
N PRO B 117 9.08 24.87 -28.92
CA PRO B 117 10.11 25.76 -28.36
C PRO B 117 10.34 25.50 -26.88
N CYS B 118 11.62 25.49 -26.49
CA CYS B 118 12.11 25.24 -25.15
C CYS B 118 11.86 23.80 -24.68
N MET B 119 11.30 22.93 -25.53
CA MET B 119 11.03 21.57 -25.09
C MET B 119 12.33 20.77 -25.00
N TYR B 120 13.14 20.80 -26.06
CA TYR B 120 14.34 19.97 -26.06
C TYR B 120 15.30 20.38 -24.94
N ASP B 121 15.52 21.69 -24.77
CA ASP B 121 16.53 22.14 -23.82
C ASP B 121 16.21 21.71 -22.39
N GLN B 122 14.93 21.49 -22.10
CA GLN B 122 14.55 20.88 -20.82
C GLN B 122 14.69 19.37 -20.87
N CYS B 123 14.14 18.76 -21.91
CA CYS B 123 14.03 17.30 -21.99
C CYS B 123 15.37 16.62 -22.13
N LYS B 124 16.42 17.33 -22.53
CA LYS B 124 17.71 16.69 -22.74
C LYS B 124 18.28 16.17 -21.42
N HIS B 125 18.12 16.93 -20.34
CA HIS B 125 18.62 16.49 -19.05
C HIS B 125 17.86 15.27 -18.53
N MET B 126 16.57 15.16 -18.86
CA MET B 126 15.76 14.05 -18.39
C MET B 126 15.97 12.80 -19.24
N LEU B 127 16.21 12.98 -20.53
CA LEU B 127 16.53 11.86 -21.41
C LEU B 127 17.84 11.22 -21.02
N TYR B 128 18.77 12.00 -20.45
CA TYR B 128 20.01 11.43 -19.92
C TYR B 128 19.73 10.36 -18.88
N VAL B 129 18.76 10.61 -18.00
CA VAL B 129 18.43 9.64 -16.97
C VAL B 129 17.92 8.36 -17.61
N SER B 130 17.00 8.51 -18.57
CA SER B 130 16.44 7.35 -19.25
C SER B 130 17.51 6.55 -20.01
N SER B 131 18.46 7.24 -20.65
CA SER B 131 19.46 6.51 -21.41
C SER B 131 20.45 5.80 -20.49
N GLU B 132 20.78 6.40 -19.35
CA GLU B 132 21.67 5.74 -18.40
C GLU B 132 21.04 4.47 -17.82
N LEU B 133 19.75 4.54 -17.49
CA LEU B 133 19.04 3.36 -17.01
C LEU B 133 19.07 2.26 -18.06
N HIS B 134 18.94 2.63 -19.33
CA HIS B 134 19.00 1.66 -20.41
C HIS B 134 20.41 1.09 -20.57
N ARG B 135 21.41 1.96 -20.58
CA ARG B 135 22.79 1.50 -20.75
C ARG B 135 23.18 0.53 -19.65
N LEU B 136 22.79 0.82 -18.41
CA LEU B 136 23.17 -0.01 -17.29
C LEU B 136 22.22 -1.17 -17.04
N GLN B 137 21.16 -1.28 -17.84
CA GLN B 137 20.15 -2.35 -17.73
C GLN B 137 19.68 -2.53 -16.28
N VAL B 138 19.25 -1.42 -15.68
CA VAL B 138 18.83 -1.43 -14.28
C VAL B 138 17.59 -2.30 -14.15
N SER B 139 17.58 -3.16 -13.13
CA SER B 139 16.41 -3.99 -12.86
C SER B 139 15.41 -3.23 -11.98
N TYR B 140 14.19 -3.77 -11.89
CA TYR B 140 13.15 -3.09 -11.11
C TYR B 140 13.54 -3.02 -9.64
N GLU B 141 14.14 -4.10 -9.11
CA GLU B 141 14.51 -4.09 -7.70
C GLU B 141 15.67 -3.14 -7.43
N GLU B 142 16.63 -3.06 -8.37
CA GLU B 142 17.67 -2.05 -8.25
C GLU B 142 17.07 -0.65 -8.26
N TYR B 143 16.13 -0.43 -9.19
CA TYR B 143 15.50 0.89 -9.32
C TYR B 143 14.78 1.30 -8.04
N LEU B 144 14.06 0.38 -7.41
CA LEU B 144 13.31 0.75 -6.20
C LEU B 144 14.25 1.11 -5.06
N CYS B 145 15.36 0.39 -4.92
CA CYS B 145 16.36 0.75 -3.92
C CYS B 145 17.00 2.09 -4.24
N MET B 146 17.34 2.30 -5.51
CA MET B 146 17.95 3.56 -5.91
C MET B 146 17.01 4.74 -5.66
N LYS B 147 15.73 4.59 -5.97
CA LYS B 147 14.81 5.71 -5.76
C LYS B 147 14.71 6.06 -4.27
N THR B 148 14.69 5.06 -3.40
CA THR B 148 14.71 5.34 -1.97
C THR B 148 15.97 6.08 -1.54
N LEU B 149 17.13 5.66 -2.06
CA LEU B 149 18.37 6.38 -1.75
C LEU B 149 18.30 7.84 -2.18
N LEU B 150 17.59 8.15 -3.27
CA LEU B 150 17.51 9.54 -3.72
C LEU B 150 16.75 10.41 -2.72
N LEU B 151 15.78 9.83 -2.01
CA LEU B 151 15.13 10.54 -0.91
C LEU B 151 16.13 10.93 0.17
N LEU B 152 17.20 10.12 0.32
CA LEU B 152 18.21 10.30 1.35
C LEU B 152 19.52 10.86 0.80
N SER B 153 19.45 11.65 -0.26
CA SER B 153 20.65 12.08 -0.98
C SER B 153 21.21 13.40 -0.50
N SER B 154 20.46 14.18 0.29
CA SER B 154 20.90 15.49 0.76
C SER B 154 20.40 15.72 2.18
N VAL B 155 21.25 16.33 3.02
CA VAL B 155 20.89 16.71 4.38
C VAL B 155 21.39 18.12 4.65
N PRO B 156 20.84 18.78 5.67
CA PRO B 156 21.34 20.11 6.03
C PRO B 156 22.79 20.03 6.49
N LYS B 157 23.52 21.12 6.25
CA LYS B 157 24.91 21.19 6.70
C LYS B 157 25.02 20.90 8.19
N ASP B 158 24.17 21.55 9.00
CA ASP B 158 24.19 21.33 10.44
C ASP B 158 23.75 19.92 10.84
N GLY B 159 23.26 19.11 9.90
CA GLY B 159 22.78 17.79 10.21
C GLY B 159 21.27 17.76 10.40
N LEU B 160 20.77 16.54 10.59
CA LEU B 160 19.36 16.32 10.88
C LEU B 160 19.16 16.13 12.38
N LYS B 161 17.93 16.37 12.83
CA LYS B 161 17.61 16.15 14.24
C LYS B 161 17.70 14.68 14.62
N SER B 162 17.40 13.78 13.69
CA SER B 162 17.53 12.34 13.89
C SER B 162 18.71 11.79 13.10
N GLN B 163 19.85 12.49 13.15
CA GLN B 163 21.00 12.14 12.30
C GLN B 163 21.42 10.70 12.47
N GLU B 164 21.49 10.22 13.72
CA GLU B 164 21.97 8.85 13.95
C GLU B 164 21.04 7.84 13.30
N LEU B 165 19.73 8.01 13.47
CA LEU B 165 18.77 7.12 12.84
C LEU B 165 18.83 7.23 11.31
N PHE B 166 18.85 8.47 10.79
CA PHE B 166 19.00 8.66 9.35
C PHE B 166 20.17 7.86 8.81
N ASP B 167 21.32 7.91 9.50
CA ASP B 167 22.52 7.24 9.03
C ASP B 167 22.32 5.73 8.98
N GLU B 168 21.64 5.17 9.98
CA GLU B 168 21.29 3.75 9.98
C GLU B 168 20.33 3.42 8.84
N ILE B 169 19.30 4.25 8.66
CA ILE B 169 18.33 4.02 7.60
C ILE B 169 19.03 4.01 6.24
N ARG B 170 19.87 5.01 5.99
CA ARG B 170 20.51 5.13 4.69
C ARG B 170 21.46 3.95 4.45
N MET B 171 22.22 3.57 5.48
CA MET B 171 23.11 2.43 5.36
C MET B 171 22.34 1.15 5.05
N THR B 172 21.13 1.01 5.59
CA THR B 172 20.37 -0.20 5.34
C THR B 172 19.86 -0.26 3.89
N TYR B 173 19.44 0.88 3.32
CA TYR B 173 19.03 0.85 1.91
C TYR B 173 20.22 0.75 0.98
N ILE B 174 21.40 1.22 1.41
CA ILE B 174 22.62 0.94 0.64
C ILE B 174 22.88 -0.56 0.59
N LYS B 175 22.80 -1.22 1.74
CA LYS B 175 22.92 -2.68 1.75
C LYS B 175 21.83 -3.34 0.92
N GLU B 176 20.63 -2.75 0.88
CA GLU B 176 19.56 -3.37 0.10
C GLU B 176 19.80 -3.23 -1.39
N LEU B 177 20.39 -2.13 -1.84
CA LEU B 177 20.80 -2.07 -3.24
C LEU B 177 21.85 -3.13 -3.54
N GLY B 178 22.77 -3.38 -2.61
CA GLY B 178 23.73 -4.46 -2.80
C GLY B 178 23.07 -5.80 -3.02
N LYS B 179 22.03 -6.11 -2.23
CA LYS B 179 21.31 -7.37 -2.40
C LYS B 179 20.66 -7.46 -3.77
N ALA B 180 20.07 -6.37 -4.24
CA ALA B 180 19.45 -6.39 -5.57
C ALA B 180 20.49 -6.59 -6.65
N ILE B 181 21.69 -6.01 -6.48
CA ILE B 181 22.76 -6.22 -7.44
C ILE B 181 23.15 -7.69 -7.51
N VAL B 182 23.22 -8.34 -6.35
CA VAL B 182 23.69 -9.72 -6.31
C VAL B 182 22.76 -10.66 -7.06
N LYS B 183 21.47 -10.34 -7.12
CA LYS B 183 20.51 -11.18 -7.86
C LYS B 183 20.76 -11.21 -9.36
N ARG B 184 21.57 -10.31 -9.92
CA ARG B 184 21.89 -10.36 -11.35
C ARG B 184 22.87 -11.47 -11.70
N GLU B 185 23.33 -12.24 -10.71
CA GLU B 185 24.07 -13.48 -10.89
C GLU B 185 25.48 -13.28 -11.45
N GLY B 186 26.08 -12.10 -11.28
CA GLY B 186 27.49 -11.93 -11.61
C GLY B 186 28.39 -12.42 -10.50
N ASN B 187 29.71 -12.42 -10.77
CA ASN B 187 30.62 -12.79 -9.69
C ASN B 187 30.84 -11.59 -8.76
N SER B 188 31.53 -11.82 -7.64
CA SER B 188 31.64 -10.78 -6.62
C SER B 188 32.34 -9.54 -7.14
N SER B 189 33.37 -9.74 -7.97
CA SER B 189 34.10 -8.61 -8.56
C SER B 189 33.20 -7.77 -9.46
N GLN B 190 32.34 -8.43 -10.24
CA GLN B 190 31.39 -7.68 -11.06
C GLN B 190 30.29 -7.03 -10.23
N ASN B 191 29.86 -7.67 -9.12
CA ASN B 191 28.85 -7.05 -8.27
C ASN B 191 29.39 -5.78 -7.64
N TRP B 192 30.64 -5.85 -7.18
CA TRP B 192 31.32 -4.67 -6.64
C TRP B 192 31.35 -3.55 -7.67
N GLN B 193 31.72 -3.88 -8.91
CA GLN B 193 31.83 -2.84 -9.92
C GLN B 193 30.46 -2.28 -10.29
N ARG B 194 29.44 -3.14 -10.33
CA ARG B 194 28.11 -2.64 -10.67
C ARG B 194 27.59 -1.68 -9.60
N PHE B 195 27.97 -1.89 -8.34
CA PHE B 195 27.58 -0.95 -7.29
C PHE B 195 28.15 0.43 -7.55
N TYR B 196 29.41 0.49 -8.02
CA TYR B 196 29.99 1.75 -8.45
C TYR B 196 29.17 2.38 -9.57
N GLN B 197 28.87 1.61 -10.63
CA GLN B 197 28.15 2.17 -11.77
C GLN B 197 26.80 2.74 -11.34
N LEU B 198 26.07 2.00 -10.50
CA LEU B 198 24.74 2.44 -10.10
C LEU B 198 24.82 3.66 -9.20
N THR B 199 25.76 3.67 -8.26
CA THR B 199 25.86 4.82 -7.38
C THR B 199 26.47 6.04 -8.07
N LYS B 200 27.26 5.85 -9.15
CA LYS B 200 27.65 7.00 -9.96
C LYS B 200 26.43 7.67 -10.58
N LEU B 201 25.49 6.87 -11.08
CA LEU B 201 24.27 7.44 -11.66
C LEU B 201 23.51 8.23 -10.61
N LEU B 202 23.37 7.67 -9.38
CA LEU B 202 22.75 8.39 -8.29
C LEU B 202 23.43 9.72 -8.02
N ASP B 203 24.77 9.71 -7.94
CA ASP B 203 25.51 10.95 -7.74
C ASP B 203 25.23 11.95 -8.86
N SER B 204 25.13 11.46 -10.09
CA SER B 204 24.92 12.38 -11.21
C SER B 204 23.52 13.01 -11.22
N MET B 205 22.58 12.52 -10.39
CA MET B 205 21.27 13.17 -10.31
C MET B 205 21.35 14.58 -9.74
N HIS B 206 22.38 14.86 -8.93
CA HIS B 206 22.53 16.23 -8.44
C HIS B 206 22.71 17.21 -9.59
N GLU B 207 23.52 16.83 -10.59
CA GLU B 207 23.72 17.68 -11.76
C GLU B 207 22.45 17.78 -12.58
N VAL B 208 21.77 16.66 -12.81
CA VAL B 208 20.50 16.67 -13.52
C VAL B 208 19.54 17.65 -12.86
N VAL B 209 19.38 17.53 -11.54
CA VAL B 209 18.41 18.37 -10.83
C VAL B 209 18.80 19.84 -10.92
N GLU B 210 20.07 20.14 -10.64
CA GLU B 210 20.54 21.53 -10.71
C GLU B 210 20.29 22.14 -12.07
N ASN B 211 20.31 21.33 -13.13
CA ASN B 211 19.98 21.84 -14.45
C ASN B 211 18.48 21.99 -14.68
N LEU B 212 17.66 21.30 -13.89
CA LEU B 212 16.22 21.35 -14.11
C LEU B 212 15.53 22.39 -13.25
N LYS B 213 16.09 22.69 -12.07
CA LYS B 213 15.47 23.65 -11.17
C LYS B 213 15.21 25.02 -11.82
N PRO B 214 16.15 25.61 -12.58
CA PRO B 214 15.83 26.91 -13.22
C PRO B 214 14.56 26.89 -14.05
N TYR B 215 14.40 25.88 -14.92
CA TYR B 215 13.20 25.77 -15.73
C TYR B 215 11.95 25.67 -14.88
N CYS B 216 12.02 24.92 -13.79
CA CYS B 216 10.90 24.89 -12.84
C CYS B 216 10.64 26.28 -12.30
N PHE B 217 11.70 27.03 -12.01
CA PHE B 217 11.54 28.37 -11.46
C PHE B 217 10.88 29.30 -12.47
N GLN B 218 11.32 29.24 -13.73
CA GLN B 218 10.82 30.18 -14.72
C GLN B 218 9.36 29.88 -15.07
N THR B 219 8.99 28.60 -15.15
CA THR B 219 7.60 28.25 -15.39
C THR B 219 6.70 28.74 -14.25
N PHE B 220 7.21 28.70 -13.02
CA PHE B 220 6.45 29.22 -11.88
C PHE B 220 6.26 30.72 -11.99
N LEU B 221 7.31 31.45 -12.35
CA LEU B 221 7.18 32.89 -12.53
C LEU B 221 6.27 33.22 -13.69
N ASP B 222 6.43 32.51 -14.81
CA ASP B 222 5.64 32.79 -15.99
C ASP B 222 4.18 32.39 -15.78
N LYS B 223 3.94 31.11 -15.53
CA LYS B 223 2.60 30.55 -15.65
C LYS B 223 1.85 30.50 -14.31
N THR B 224 2.49 30.77 -13.19
CA THR B 224 1.81 30.76 -11.89
C THR B 224 1.70 32.15 -11.26
N MET B 225 2.77 32.93 -11.29
CA MET B 225 2.73 34.31 -10.82
C MET B 225 2.45 35.31 -11.93
N SER B 226 2.48 34.86 -13.19
CA SER B 226 2.26 35.72 -14.37
C SER B 226 3.09 37.01 -14.28
N ILE B 227 4.36 36.84 -13.96
CA ILE B 227 5.28 37.97 -13.81
C ILE B 227 5.99 38.25 -15.14
N GLY B 247 23.88 25.68 -0.67
CA GLY B 247 24.51 26.51 0.35
C GLY B 247 24.66 25.83 1.70
N ASN B 248 23.58 25.77 2.47
CA ASN B 248 23.55 25.06 3.74
C ASN B 248 23.14 23.60 3.58
N ILE B 249 23.20 23.05 2.37
CA ILE B 249 22.80 21.68 2.09
C ILE B 249 24.03 20.86 1.73
N LYS B 250 24.19 19.73 2.40
CA LYS B 250 25.29 18.81 2.14
C LYS B 250 24.79 17.69 1.21
N LYS B 251 25.37 17.61 0.03
CA LYS B 251 25.13 16.44 -0.82
C LYS B 251 25.82 15.22 -0.22
N LEU B 252 25.10 14.10 -0.20
CA LEU B 252 25.62 12.84 0.33
C LEU B 252 26.09 11.98 -0.84
N LEU B 253 27.27 12.31 -1.36
CA LEU B 253 27.78 11.67 -2.55
C LEU B 253 28.41 10.32 -2.22
N PHE B 254 28.22 9.35 -3.11
CA PHE B 254 28.86 8.05 -2.94
C PHE B 254 30.33 8.09 -3.32
N HIS B 255 30.72 8.99 -4.22
CA HIS B 255 32.08 9.04 -4.75
C HIS B 255 32.55 10.49 -4.81
N GLN B 256 33.64 10.78 -4.11
CA GLN B 256 34.22 12.13 -4.12
C GLN B 256 35.30 12.26 -5.19
#